data_5G20
#
_entry.id   5G20
#
_cell.length_a   47.718
_cell.length_b   90.651
_cell.length_c   52.913
_cell.angle_alpha   90.00
_cell.angle_beta   112.72
_cell.angle_gamma   90.00
#
_symmetry.space_group_name_H-M   'P 1 21 1'
#
loop_
_entity.id
_entity.type
_entity.pdbx_description
1 polymer 'GLYCYLPEPTIDE N-TETRADECANOYLTRANSFERASE'
2 non-polymer 'MAGNESIUM ION'
3 non-polymer TETRADECANOYL-COA
4 non-polymer 6-(BENZYLOXY)-4-(ETHYLSULFANYL)-3-[(MORPHOLIN-4-YL)
5 non-polymer 'DIMETHYL SULFOXIDE'
6 water water
#
_entity_poly.entity_id   1
_entity_poly.type   'polypeptide(L)'
_entity_poly.pdbx_seq_one_letter_code
;AHAFWSTQPVPQTEDETEKIVFAGPMDEPKTVADIPEEPYPIASTFEWWTPNMEAADDIHAIYELLRDNYVEDDDSMFRF
NYSEEFLQWALCPPNYIPDWHVAVRRKADKKLLAFIAGVPVTLRMGTPKYMKVKAQEKGEGEEAAKYDEPRHICEINFLC
VHKQLREKRLAPILIKEATRRVNRTNVWQAVYTAGVLLPTPYASGQYFHRSLNPEKLVEIRFSGIPAQYQKFQNPMAMLK
RNYQLPSAPKNSGLREMKPSDVPQVRRILMNYLDSFDVGPVFSDAEISHYLLPRDGVVFTYVVENDKKVTDFFSFYRIPS
TVIGNSNYNLLNAAYVHYYAATSIPLHQLILDLLIVAHSRGFDVCNMVEILDNRSFVEQLKFGAGDGHLRYYFYNWAYPK
IKPSQVALVML
;
_entity_poly.pdbx_strand_id   A
#
# COMPACT_ATOMS: atom_id res chain seq x y z
N ALA A 1 -23.49 15.91 0.70
CA ALA A 1 -22.65 15.24 1.74
C ALA A 1 -21.16 15.19 1.34
N HIS A 2 -20.81 15.10 0.03
CA HIS A 2 -19.37 15.27 -0.34
C HIS A 2 -19.14 16.41 -1.32
N ALA A 3 -18.93 17.59 -0.79
CA ALA A 3 -18.80 18.81 -1.62
C ALA A 3 -17.68 18.69 -2.62
N PHE A 4 -16.64 17.90 -2.34
CA PHE A 4 -15.59 17.74 -3.34
C PHE A 4 -15.76 16.52 -4.13
N TRP A 5 -15.89 15.35 -3.44
CA TRP A 5 -16.01 14.06 -4.18
C TRP A 5 -17.19 13.90 -5.13
N SER A 6 -18.28 14.69 -4.86
CA SER A 6 -19.38 14.72 -5.76
C SER A 6 -19.07 15.35 -7.12
N THR A 7 -17.97 16.07 -7.21
CA THR A 7 -17.64 16.83 -8.43
C THR A 7 -16.63 16.03 -9.30
N GLN A 8 -16.16 14.91 -8.73
CA GLN A 8 -15.05 14.13 -9.36
C GLN A 8 -15.52 12.91 -10.09
N PRO A 9 -14.70 12.41 -11.05
CA PRO A 9 -15.09 11.23 -11.81
C PRO A 9 -14.75 9.94 -11.08
N VAL A 10 -15.56 9.67 -10.06
CA VAL A 10 -15.50 8.43 -9.24
C VAL A 10 -16.90 7.93 -9.06
N PRO A 11 -17.12 6.63 -8.84
CA PRO A 11 -18.43 6.11 -8.54
C PRO A 11 -18.97 6.77 -7.27
N GLN A 12 -20.25 7.13 -7.32
CA GLN A 12 -20.80 8.00 -6.24
C GLN A 12 -21.49 7.25 -5.14
N THR A 13 -21.86 6.01 -5.42
CA THR A 13 -22.47 5.19 -4.40
C THR A 13 -22.07 3.74 -4.58
N GLU A 14 -22.24 2.99 -3.51
CA GLU A 14 -21.96 1.58 -3.46
C GLU A 14 -22.81 0.88 -4.47
N ASP A 15 -24.06 1.31 -4.58
CA ASP A 15 -24.94 0.72 -5.60
C ASP A 15 -24.37 0.81 -7.04
N GLU A 16 -23.84 1.99 -7.39
CA GLU A 16 -23.25 2.18 -8.72
CA GLU A 16 -23.19 2.22 -8.69
C GLU A 16 -22.13 1.15 -8.99
N THR A 17 -21.19 0.98 -8.04
CA THR A 17 -20.12 0.01 -8.16
CA THR A 17 -20.10 -0.02 -8.19
C THR A 17 -20.60 -1.43 -8.29
N GLU A 18 -21.69 -1.75 -7.59
CA GLU A 18 -22.21 -3.13 -7.65
C GLU A 18 -22.95 -3.43 -8.97
N LYS A 19 -23.26 -2.39 -9.75
CA LYS A 19 -23.86 -2.57 -11.05
C LYS A 19 -22.91 -2.46 -12.22
N ILE A 20 -21.67 -1.95 -12.02
CA ILE A 20 -20.68 -1.85 -13.11
C ILE A 20 -20.31 -3.26 -13.54
N VAL A 21 -20.32 -3.45 -14.87
CA VAL A 21 -20.08 -4.72 -15.46
C VAL A 21 -18.72 -4.72 -16.24
N PHE A 22 -18.32 -3.61 -16.83
CA PHE A 22 -17.11 -3.61 -17.64
C PHE A 22 -16.14 -2.58 -17.06
N ALA A 23 -14.85 -2.86 -17.13
CA ALA A 23 -13.84 -1.83 -16.76
C ALA A 23 -13.85 -0.78 -17.87
N GLY A 24 -13.64 0.48 -17.53
CA GLY A 24 -13.34 1.54 -18.46
C GLY A 24 -13.39 2.94 -17.86
N PRO A 25 -13.05 4.01 -18.64
CA PRO A 25 -12.98 5.36 -18.12
CA PRO A 25 -13.00 5.37 -18.11
C PRO A 25 -14.36 5.89 -17.70
N MET A 26 -14.36 6.78 -16.74
CA MET A 26 -15.62 7.45 -16.41
CA MET A 26 -15.61 7.46 -16.36
C MET A 26 -15.88 8.64 -17.26
N ASP A 27 -14.89 9.50 -17.41
CA ASP A 27 -14.98 10.69 -18.23
C ASP A 27 -14.75 10.31 -19.74
N GLU A 28 -15.40 11.07 -20.63
CA GLU A 28 -15.06 11.01 -22.03
C GLU A 28 -13.67 11.59 -22.20
N PRO A 29 -13.03 11.21 -23.31
CA PRO A 29 -11.59 11.41 -23.37
C PRO A 29 -11.20 12.86 -23.52
N LYS A 30 -10.10 13.26 -22.92
CA LYS A 30 -9.51 14.58 -23.01
C LYS A 30 -8.11 14.55 -23.56
N THR A 31 -7.52 15.69 -23.90
CA THR A 31 -6.09 15.66 -24.32
C THR A 31 -5.34 16.52 -23.39
N VAL A 32 -3.99 16.45 -23.43
CA VAL A 32 -3.11 17.23 -22.63
C VAL A 32 -3.38 18.75 -22.91
N ALA A 33 -3.65 19.04 -24.20
CA ALA A 33 -3.95 20.45 -24.56
C ALA A 33 -5.19 21.00 -23.89
N ASP A 34 -6.17 20.17 -23.53
CA ASP A 34 -7.41 20.59 -22.83
C ASP A 34 -7.09 21.06 -21.40
N ILE A 35 -5.96 20.62 -20.83
CA ILE A 35 -5.69 20.85 -19.41
C ILE A 35 -4.97 22.11 -19.12
N PRO A 36 -5.45 22.87 -18.07
CA PRO A 36 -4.79 24.13 -17.82
C PRO A 36 -3.28 24.00 -17.65
N GLU A 37 -2.56 24.90 -18.28
CA GLU A 37 -1.13 24.96 -18.14
C GLU A 37 -0.58 25.56 -16.85
N GLU A 38 -1.40 26.38 -16.16
CA GLU A 38 -0.96 27.12 -14.95
C GLU A 38 -1.41 26.31 -13.75
N PRO A 39 -0.66 26.39 -12.65
CA PRO A 39 -1.05 25.73 -11.44
C PRO A 39 -2.48 26.14 -10.99
N TYR A 40 -3.13 25.26 -10.34
CA TYR A 40 -4.44 25.58 -9.81
C TYR A 40 -4.28 26.77 -8.84
N PRO A 41 -5.26 27.69 -8.84
CA PRO A 41 -5.14 28.82 -7.95
C PRO A 41 -5.08 28.47 -6.49
N ILE A 42 -4.28 29.21 -5.74
CA ILE A 42 -4.12 29.04 -4.29
C ILE A 42 -4.03 30.40 -3.61
N ALA A 43 -4.43 30.44 -2.34
CA ALA A 43 -4.43 31.68 -1.57
C ALA A 43 -3.08 32.31 -1.62
N SER A 44 -3.11 33.65 -1.68
CA SER A 44 -1.89 34.43 -1.87
C SER A 44 -0.84 34.24 -0.76
N THR A 45 -1.25 33.76 0.43
CA THR A 45 -0.27 33.47 1.49
C THR A 45 0.45 32.11 1.31
N PHE A 46 -0.01 31.32 0.34
CA PHE A 46 0.61 29.99 0.07
C PHE A 46 1.28 29.94 -1.26
N GLU A 47 2.08 28.90 -1.52
CA GLU A 47 2.66 28.72 -2.83
C GLU A 47 2.87 27.23 -3.05
N TRP A 48 2.83 26.80 -4.28
CA TRP A 48 3.12 25.43 -4.68
C TRP A 48 4.62 25.20 -4.64
N TRP A 49 5.02 24.01 -4.22
CA TRP A 49 6.44 23.67 -4.20
C TRP A 49 6.57 22.25 -4.68
N THR A 50 7.52 22.00 -5.55
CA THR A 50 7.87 20.63 -6.04
C THR A 50 9.18 20.24 -5.33
N PRO A 51 9.13 19.41 -4.28
CA PRO A 51 10.39 19.05 -3.55
C PRO A 51 11.22 18.20 -4.45
N ASN A 52 12.51 18.24 -4.22
CA ASN A 52 13.42 17.37 -4.92
C ASN A 52 13.75 16.17 -4.03
N MET A 53 13.27 15.02 -4.49
CA MET A 53 13.48 13.76 -3.77
CA MET A 53 13.45 13.72 -3.81
C MET A 53 14.86 13.17 -3.92
N GLU A 54 15.68 13.79 -4.79
CA GLU A 54 17.08 13.41 -4.83
C GLU A 54 17.67 14.01 -3.54
N ALA A 55 17.37 15.30 -3.29
CA ALA A 55 17.91 16.10 -2.15
C ALA A 55 17.55 15.64 -0.72
N ALA A 56 18.54 15.18 0.05
CA ALA A 56 18.35 14.77 1.46
C ALA A 56 17.54 15.79 2.28
N ASP A 57 17.77 17.09 2.07
CA ASP A 57 17.08 18.10 2.85
C ASP A 57 15.57 18.21 2.55
N ASP A 58 15.23 18.01 1.29
CA ASP A 58 13.82 18.13 0.83
C ASP A 58 13.09 16.87 1.37
N ILE A 59 13.74 15.73 1.23
CA ILE A 59 13.22 14.50 1.89
CA ILE A 59 13.23 14.49 1.90
C ILE A 59 13.04 14.74 3.39
N HIS A 60 14.00 15.38 4.08
CA HIS A 60 13.84 15.62 5.48
C HIS A 60 12.66 16.52 5.85
N ALA A 61 12.39 17.57 5.07
CA ALA A 61 11.27 18.43 5.28
C ALA A 61 9.91 17.66 5.14
N ILE A 62 9.90 16.81 4.08
CA ILE A 62 8.69 15.92 3.92
C ILE A 62 8.56 14.93 5.13
N TYR A 63 9.70 14.33 5.52
CA TYR A 63 9.68 13.39 6.67
C TYR A 63 9.09 14.08 7.88
N GLU A 64 9.55 15.30 8.19
CA GLU A 64 9.00 15.95 9.40
C GLU A 64 7.55 16.27 9.34
N LEU A 65 7.05 16.69 8.15
CA LEU A 65 5.63 16.96 7.99
C LEU A 65 4.81 15.66 8.28
N LEU A 66 5.34 14.59 7.70
CA LEU A 66 4.58 13.33 7.92
C LEU A 66 4.75 12.79 9.30
N ARG A 67 5.97 12.88 9.87
CA ARG A 67 6.18 12.44 11.26
C ARG A 67 5.13 13.10 12.20
N ASP A 68 4.92 14.43 12.07
CA ASP A 68 4.07 15.15 13.02
C ASP A 68 2.60 15.21 12.61
N ASN A 69 2.24 14.84 11.36
CA ASN A 69 0.90 15.15 10.85
C ASN A 69 0.30 14.12 9.95
N TYR A 70 0.99 13.00 9.80
CA TYR A 70 0.42 11.87 8.99
C TYR A 70 -0.58 11.00 9.76
N VAL A 71 -0.93 9.85 9.17
CA VAL A 71 -2.12 9.13 9.66
C VAL A 71 -1.97 8.67 11.16
N GLU A 72 -3.02 8.94 11.95
CA GLU A 72 -3.06 8.70 13.37
C GLU A 72 -4.40 8.08 13.66
N ASP A 73 -4.40 7.10 14.55
CA ASP A 73 -5.71 6.48 14.88
C ASP A 73 -6.63 7.37 15.64
N ASP A 74 -7.91 6.96 15.68
CA ASP A 74 -8.94 7.88 16.26
C ASP A 74 -8.75 8.12 17.76
N ASP A 75 -8.07 7.20 18.42
CA ASP A 75 -7.72 7.39 19.84
C ASP A 75 -6.37 8.04 20.16
N SER A 76 -5.74 8.61 19.12
CA SER A 76 -4.46 9.29 19.26
CA SER A 76 -4.46 9.32 19.32
C SER A 76 -3.40 8.45 20.06
N MET A 77 -3.29 7.18 19.70
CA MET A 77 -2.27 6.27 20.23
C MET A 77 -1.03 6.11 19.38
N PHE A 78 -1.24 6.08 18.06
CA PHE A 78 -0.14 5.75 17.14
C PHE A 78 -0.23 6.67 15.93
N ARG A 79 0.92 7.08 15.40
CA ARG A 79 0.95 7.91 14.19
C ARG A 79 2.09 7.29 13.34
N PHE A 80 1.86 7.07 12.04
CA PHE A 80 2.98 6.51 11.27
C PHE A 80 4.16 7.39 11.25
N ASN A 81 5.37 6.79 11.21
CA ASN A 81 6.59 7.57 11.14
C ASN A 81 7.52 6.94 10.06
N TYR A 82 7.06 7.05 8.83
CA TYR A 82 7.83 6.56 7.72
C TYR A 82 9.20 7.20 7.72
N SER A 83 10.25 6.44 7.52
CA SER A 83 11.61 7.00 7.63
C SER A 83 11.95 7.77 6.39
N GLU A 84 12.98 8.62 6.56
CA GLU A 84 13.49 9.27 5.33
C GLU A 84 13.98 8.33 4.21
N GLU A 85 14.68 7.25 4.58
CA GLU A 85 15.12 6.24 3.63
C GLU A 85 13.88 5.61 2.92
N PHE A 86 12.83 5.36 3.69
CA PHE A 86 11.65 4.80 3.07
C PHE A 86 11.02 5.75 2.11
N LEU A 87 10.93 7.06 2.52
CA LEU A 87 10.25 7.98 1.60
C LEU A 87 11.07 8.15 0.27
N GLN A 88 12.41 8.13 0.38
CA GLN A 88 13.18 8.18 -0.87
C GLN A 88 12.89 6.98 -1.77
N TRP A 89 12.78 5.80 -1.16
CA TRP A 89 12.47 4.60 -1.88
C TRP A 89 11.10 4.66 -2.53
N ALA A 90 10.11 5.04 -1.73
CA ALA A 90 8.76 5.06 -2.23
C ALA A 90 8.49 6.10 -3.26
N LEU A 91 9.17 7.23 -3.12
CA LEU A 91 8.80 8.43 -3.91
C LEU A 91 9.57 8.45 -5.21
N CYS A 92 10.68 7.67 -5.31
CA CYS A 92 11.58 7.77 -6.53
C CYS A 92 11.85 6.41 -7.18
N PRO A 93 10.82 5.72 -7.63
CA PRO A 93 11.01 4.47 -8.39
C PRO A 93 11.49 4.81 -9.79
N PRO A 94 11.85 3.83 -10.59
CA PRO A 94 12.34 4.04 -11.93
C PRO A 94 11.29 4.85 -12.72
N ASN A 95 11.82 5.89 -13.38
CA ASN A 95 11.05 6.70 -14.30
C ASN A 95 10.01 7.50 -13.56
N TYR A 96 10.27 7.81 -12.29
CA TYR A 96 9.35 8.67 -11.61
C TYR A 96 9.34 10.09 -12.22
N ILE A 97 8.20 10.73 -12.04
CA ILE A 97 8.01 12.08 -12.55
CA ILE A 97 7.98 12.05 -12.56
C ILE A 97 8.12 13.06 -11.42
N PRO A 98 9.15 13.91 -11.42
CA PRO A 98 9.30 14.77 -10.27
C PRO A 98 8.10 15.71 -9.99
N ASP A 99 7.46 16.20 -11.05
CA ASP A 99 6.30 17.07 -10.99
CA ASP A 99 6.42 17.14 -10.73
C ASP A 99 5.11 16.47 -10.26
N TRP A 100 5.07 15.12 -10.23
CA TRP A 100 3.96 14.44 -9.48
C TRP A 100 4.13 14.52 -7.95
N HIS A 101 5.25 15.01 -7.39
CA HIS A 101 5.37 15.27 -5.96
C HIS A 101 4.96 16.73 -5.72
N VAL A 102 3.85 16.94 -5.01
CA VAL A 102 3.21 18.28 -4.91
C VAL A 102 3.12 18.73 -3.51
N ALA A 103 3.65 19.90 -3.18
CA ALA A 103 3.65 20.37 -1.85
C ALA A 103 3.11 21.83 -1.83
N VAL A 104 2.52 22.17 -0.72
CA VAL A 104 2.15 23.58 -0.35
C VAL A 104 3.06 24.07 0.77
N ARG A 105 3.63 25.28 0.58
CA ARG A 105 4.36 25.90 1.67
C ARG A 105 3.79 27.29 1.97
N ARG A 106 3.96 27.74 3.21
CA ARG A 106 3.58 29.12 3.60
C ARG A 106 4.62 30.03 2.95
N LYS A 107 4.16 31.08 2.25
CA LYS A 107 5.05 31.86 1.42
C LYS A 107 6.17 32.63 2.24
N ALA A 108 5.78 33.16 3.41
CA ALA A 108 6.67 33.92 4.27
C ALA A 108 7.89 33.10 4.77
N ASP A 109 7.65 32.20 5.73
CA ASP A 109 8.68 31.33 6.32
C ASP A 109 9.04 30.04 5.53
N LYS A 110 8.36 29.78 4.42
CA LYS A 110 8.54 28.54 3.66
C LYS A 110 8.28 27.21 4.41
N LYS A 111 7.50 27.29 5.47
CA LYS A 111 7.09 26.13 6.26
C LYS A 111 6.27 25.26 5.33
N LEU A 112 6.52 23.97 5.41
CA LEU A 112 5.75 23.02 4.62
C LEU A 112 4.44 22.76 5.36
N LEU A 113 3.30 22.90 4.67
CA LEU A 113 1.96 22.85 5.18
C LEU A 113 1.21 21.60 4.66
N ALA A 114 1.55 21.16 3.45
CA ALA A 114 0.74 20.00 2.93
C ALA A 114 1.55 19.31 1.83
N PHE A 115 1.18 18.03 1.56
CA PHE A 115 1.89 17.26 0.57
C PHE A 115 0.99 16.22 -0.01
N ILE A 116 1.32 15.79 -1.24
CA ILE A 116 0.67 14.57 -1.84
C ILE A 116 1.60 14.06 -2.89
N ALA A 117 1.68 12.73 -3.05
CA ALA A 117 2.64 12.24 -4.03
C ALA A 117 2.02 11.28 -5.00
N GLY A 118 2.39 11.34 -6.27
CA GLY A 118 2.05 10.33 -7.25
C GLY A 118 3.33 9.70 -7.78
N VAL A 119 3.25 8.41 -8.09
CA VAL A 119 4.34 7.66 -8.72
C VAL A 119 3.72 6.84 -9.84
N PRO A 120 4.53 6.50 -10.85
CA PRO A 120 4.02 5.65 -11.88
C PRO A 120 3.81 4.21 -11.44
N VAL A 121 2.80 3.57 -11.99
CA VAL A 121 2.59 2.14 -11.86
C VAL A 121 1.96 1.68 -13.14
N THR A 122 2.35 0.47 -13.51
CA THR A 122 1.73 -0.22 -14.66
C THR A 122 0.76 -1.24 -14.12
N LEU A 123 -0.52 -1.09 -14.35
CA LEU A 123 -1.54 -1.89 -13.64
C LEU A 123 -2.43 -2.62 -14.62
N ARG A 124 -2.65 -3.91 -14.40
CA ARG A 124 -3.76 -4.67 -15.00
C ARG A 124 -4.99 -4.22 -14.24
N MET A 125 -5.94 -3.67 -14.94
CA MET A 125 -7.17 -3.10 -14.39
C MET A 125 -8.35 -3.27 -15.41
N GLY A 126 -8.27 -4.34 -16.18
CA GLY A 126 -9.41 -4.67 -17.09
C GLY A 126 -10.49 -5.43 -16.30
N THR A 127 -11.59 -5.77 -16.99
CA THR A 127 -12.70 -6.40 -16.38
C THR A 127 -12.32 -7.68 -15.71
N PRO A 128 -12.77 -7.86 -14.44
CA PRO A 128 -12.44 -9.05 -13.67
C PRO A 128 -12.98 -10.34 -14.23
N LYS A 129 -12.41 -11.46 -13.81
CA LYS A 129 -12.79 -12.79 -14.33
C LYS A 129 -14.29 -13.06 -14.24
N TYR A 130 -14.93 -12.78 -13.08
CA TYR A 130 -16.38 -13.15 -12.88
C TYR A 130 -17.24 -12.32 -13.86
N MET A 131 -16.82 -11.09 -14.16
CA MET A 131 -17.55 -10.21 -15.08
C MET A 131 -17.28 -10.56 -16.55
N LYS A 132 -16.08 -11.05 -16.86
CA LYS A 132 -15.83 -11.57 -18.20
C LYS A 132 -16.68 -12.79 -18.55
N VAL A 133 -16.87 -13.67 -17.56
CA VAL A 133 -17.78 -14.82 -17.69
C VAL A 133 -19.19 -14.29 -17.98
N LYS A 134 -19.71 -13.39 -17.17
CA LYS A 134 -21.06 -12.85 -17.41
CA LYS A 134 -21.06 -12.87 -17.41
C LYS A 134 -21.19 -12.28 -18.79
N ALA A 135 -20.10 -11.67 -19.27
CA ALA A 135 -20.09 -11.04 -20.60
C ALA A 135 -20.08 -12.07 -21.73
N GLN A 136 -19.31 -13.13 -21.58
CA GLN A 136 -19.26 -14.18 -22.59
CA GLN A 136 -19.28 -14.17 -22.62
C GLN A 136 -20.66 -14.80 -22.73
N GLU A 137 -21.31 -15.01 -21.58
CA GLU A 137 -22.71 -15.55 -21.51
C GLU A 137 -23.70 -14.67 -22.32
N LYS A 138 -23.41 -13.39 -22.41
CA LYS A 138 -24.35 -12.52 -23.06
C LYS A 138 -23.86 -12.01 -24.40
N GLY A 139 -22.73 -12.52 -24.89
CA GLY A 139 -22.28 -12.06 -26.20
C GLY A 139 -21.64 -10.70 -26.18
N GLU A 140 -21.09 -10.31 -25.00
CA GLU A 140 -20.50 -8.97 -24.74
C GLU A 140 -19.00 -9.06 -24.47
N GLY A 141 -18.38 -10.13 -24.93
CA GLY A 141 -16.90 -10.26 -24.78
C GLY A 141 -16.07 -9.08 -25.25
N GLU A 142 -16.45 -8.48 -26.36
CA GLU A 142 -15.55 -7.49 -26.95
C GLU A 142 -15.53 -6.22 -26.05
N GLU A 143 -16.72 -5.83 -25.58
CA GLU A 143 -16.84 -4.71 -24.63
CA GLU A 143 -16.80 -4.68 -24.67
C GLU A 143 -16.04 -5.03 -23.37
N ALA A 144 -16.19 -6.25 -22.87
CA ALA A 144 -15.50 -6.63 -21.56
C ALA A 144 -14.00 -6.61 -21.66
N ALA A 145 -13.45 -6.83 -22.86
CA ALA A 145 -12.02 -6.99 -23.03
C ALA A 145 -11.33 -5.76 -23.49
N LYS A 146 -12.08 -4.69 -23.76
CA LYS A 146 -11.47 -3.51 -24.40
C LYS A 146 -10.25 -2.96 -23.63
N TYR A 147 -10.29 -2.91 -22.28
CA TYR A 147 -9.18 -2.33 -21.52
C TYR A 147 -8.40 -3.38 -20.75
N ASP A 148 -8.22 -4.55 -21.36
CA ASP A 148 -7.39 -5.56 -20.80
C ASP A 148 -5.93 -5.28 -20.75
N GLU A 149 -5.41 -4.40 -21.66
CA GLU A 149 -3.99 -4.16 -21.66
C GLU A 149 -3.51 -3.46 -20.34
N PRO A 150 -2.36 -3.86 -19.80
CA PRO A 150 -1.83 -3.14 -18.56
C PRO A 150 -1.72 -1.68 -18.94
N ARG A 151 -2.12 -0.80 -18.03
CA ARG A 151 -2.16 0.65 -18.28
C ARG A 151 -1.08 1.38 -17.41
N HIS A 152 -0.38 2.36 -17.94
CA HIS A 152 0.61 3.13 -17.24
C HIS A 152 -0.14 4.29 -16.56
N ILE A 153 -0.38 4.16 -15.26
CA ILE A 153 -1.24 5.15 -14.52
C ILE A 153 -0.46 5.71 -13.34
N CYS A 154 -1.15 6.43 -12.47
CA CYS A 154 -0.51 7.08 -11.29
C CYS A 154 -1.00 6.37 -10.04
N GLU A 155 -0.07 6.08 -9.10
CA GLU A 155 -0.52 5.71 -7.75
C GLU A 155 -0.27 6.88 -6.82
N ILE A 156 -1.33 7.24 -6.08
CA ILE A 156 -1.27 8.36 -5.11
C ILE A 156 -1.12 7.87 -3.69
N ASN A 157 -0.27 8.56 -2.94
CA ASN A 157 -0.07 8.15 -1.51
C ASN A 157 0.51 9.38 -0.80
N PHE A 158 0.54 9.37 0.52
CA PHE A 158 1.14 10.37 1.34
C PHE A 158 0.41 11.72 1.35
N LEU A 159 -0.90 11.69 1.09
CA LEU A 159 -1.64 12.95 1.23
C LEU A 159 -1.60 13.39 2.69
N CYS A 160 -1.26 14.65 2.94
CA CYS A 160 -1.11 15.14 4.33
C CYS A 160 -1.32 16.62 4.39
N VAL A 161 -2.20 17.05 5.30
CA VAL A 161 -2.36 18.49 5.62
C VAL A 161 -1.91 18.66 7.05
N HIS A 162 -1.10 19.69 7.31
CA HIS A 162 -0.61 19.99 8.67
C HIS A 162 -1.82 20.13 9.63
N LYS A 163 -1.67 19.65 10.83
CA LYS A 163 -2.78 19.69 11.80
C LYS A 163 -3.44 21.10 12.02
N GLN A 164 -2.63 22.15 11.93
CA GLN A 164 -3.18 23.51 12.12
C GLN A 164 -4.00 23.99 10.95
N LEU A 165 -3.91 23.27 9.84
CA LEU A 165 -4.65 23.70 8.67
C LEU A 165 -5.74 22.71 8.30
N ARG A 166 -6.11 21.83 9.24
CA ARG A 166 -7.20 20.87 8.99
C ARG A 166 -8.59 21.51 8.77
N GLU A 167 -9.43 20.88 7.95
CA GLU A 167 -10.84 21.25 7.75
C GLU A 167 -10.96 22.64 7.15
N LYS A 168 -9.97 23.01 6.35
CA LYS A 168 -9.96 24.29 5.62
C LYS A 168 -10.13 24.06 4.10
N ARG A 169 -10.51 22.86 3.71
CA ARG A 169 -10.67 22.50 2.27
C ARG A 169 -9.33 22.57 1.49
N LEU A 170 -8.20 22.38 2.21
CA LEU A 170 -6.93 22.38 1.51
C LEU A 170 -6.70 20.99 0.78
N ALA A 171 -7.20 19.88 1.31
CA ALA A 171 -6.93 18.59 0.63
C ALA A 171 -7.51 18.56 -0.78
N PRO A 172 -8.77 19.06 -0.97
CA PRO A 172 -9.24 19.09 -2.37
C PRO A 172 -8.33 19.90 -3.32
N ILE A 173 -7.78 21.03 -2.93
CA ILE A 173 -6.94 21.82 -3.80
C ILE A 173 -5.64 21.03 -4.09
N LEU A 174 -5.14 20.27 -3.13
CA LEU A 174 -3.95 19.42 -3.44
CA LEU A 174 -3.99 19.36 -3.40
C LEU A 174 -4.29 18.29 -4.41
N ILE A 175 -5.47 17.71 -4.27
CA ILE A 175 -5.96 16.64 -5.16
C ILE A 175 -6.14 17.23 -6.55
N LYS A 176 -6.78 18.39 -6.67
CA LYS A 176 -6.93 19.00 -8.03
CA LYS A 176 -6.93 19.01 -8.03
C LYS A 176 -5.61 19.32 -8.73
N GLU A 177 -4.64 19.83 -7.99
CA GLU A 177 -3.36 20.21 -8.58
C GLU A 177 -2.63 18.91 -8.96
N ALA A 178 -2.72 17.87 -8.10
CA ALA A 178 -2.06 16.65 -8.52
C ALA A 178 -2.69 16.07 -9.77
N THR A 179 -4.04 16.09 -9.86
CA THR A 179 -4.71 15.60 -11.04
C THR A 179 -4.23 16.37 -12.31
N ARG A 180 -4.18 17.67 -12.13
CA ARG A 180 -3.69 18.52 -13.28
C ARG A 180 -2.31 18.09 -13.79
N ARG A 181 -1.43 17.93 -12.82
CA ARG A 181 -0.03 17.55 -13.16
C ARG A 181 0.02 16.19 -13.74
N VAL A 182 -0.80 15.26 -13.27
CA VAL A 182 -0.80 13.94 -13.88
C VAL A 182 -1.41 13.99 -15.28
N ASN A 183 -2.56 14.71 -15.44
CA ASN A 183 -3.20 14.74 -16.71
C ASN A 183 -2.32 15.46 -17.84
N ARG A 184 -1.47 16.38 -17.38
CA ARG A 184 -0.63 17.13 -18.31
C ARG A 184 0.48 16.16 -18.78
N THR A 185 0.63 15.01 -18.10
CA THR A 185 1.59 13.99 -18.64
C THR A 185 0.85 12.92 -19.37
N ASN A 186 -0.39 13.17 -19.81
CA ASN A 186 -1.24 12.25 -20.53
C ASN A 186 -1.58 10.94 -19.78
N VAL A 187 -1.82 11.12 -18.48
CA VAL A 187 -2.29 9.95 -17.66
C VAL A 187 -3.65 10.41 -17.04
N TRP A 188 -4.61 9.52 -17.10
CA TRP A 188 -6.00 9.91 -16.85
C TRP A 188 -6.63 9.07 -15.74
N GLN A 189 -5.92 8.04 -15.26
CA GLN A 189 -6.43 7.23 -14.11
C GLN A 189 -5.41 7.24 -13.00
N ALA A 190 -5.95 7.07 -11.78
CA ALA A 190 -5.04 6.79 -10.62
C ALA A 190 -5.64 5.72 -9.78
N VAL A 191 -4.73 5.09 -8.99
CA VAL A 191 -5.15 4.17 -7.94
C VAL A 191 -4.66 4.68 -6.62
N TYR A 192 -5.50 4.48 -5.58
CA TYR A 192 -5.08 4.92 -4.25
C TYR A 192 -5.81 4.06 -3.23
N THR A 193 -5.30 4.13 -2.00
CA THR A 193 -5.99 3.35 -0.92
C THR A 193 -6.21 4.31 0.20
N ALA A 194 -7.11 3.99 1.10
CA ALA A 194 -7.22 4.79 2.34
C ALA A 194 -7.81 3.85 3.40
N GLY A 195 -7.52 4.19 4.69
CA GLY A 195 -8.22 3.48 5.77
C GLY A 195 -9.59 4.10 6.07
N VAL A 196 -10.05 5.14 5.41
CA VAL A 196 -11.33 5.73 5.58
C VAL A 196 -12.17 5.41 4.35
N LEU A 197 -13.48 5.46 4.55
CA LEU A 197 -14.47 5.23 3.52
C LEU A 197 -14.77 6.53 2.80
N LEU A 198 -14.49 6.57 1.50
CA LEU A 198 -14.74 7.66 0.60
C LEU A 198 -15.57 7.12 -0.55
N PRO A 199 -16.10 8.01 -1.43
CA PRO A 199 -16.80 7.46 -2.57
C PRO A 199 -15.75 7.04 -3.69
N THR A 200 -15.73 5.79 -4.14
CA THR A 200 -16.41 4.64 -3.59
C THR A 200 -15.39 3.47 -3.85
N PRO A 201 -15.11 2.57 -2.87
CA PRO A 201 -14.06 1.58 -3.10
C PRO A 201 -14.48 0.52 -4.12
N TYR A 202 -13.53 0.04 -4.93
CA TYR A 202 -13.83 -1.20 -5.65
C TYR A 202 -13.47 -2.45 -4.90
N ALA A 203 -12.73 -2.35 -3.78
CA ALA A 203 -12.42 -3.51 -2.96
C ALA A 203 -12.09 -3.00 -1.56
N SER A 204 -12.28 -3.84 -0.55
CA SER A 204 -11.91 -3.48 0.85
CA SER A 204 -11.97 -3.48 0.86
C SER A 204 -11.49 -4.74 1.55
N GLY A 205 -10.44 -4.62 2.36
CA GLY A 205 -10.05 -5.83 3.13
C GLY A 205 -9.66 -5.41 4.52
N GLN A 206 -9.85 -6.31 5.45
CA GLN A 206 -9.41 -6.06 6.78
C GLN A 206 -7.89 -6.13 6.88
N TYR A 207 -7.38 -5.39 7.84
CA TYR A 207 -6.04 -5.60 8.32
C TYR A 207 -5.85 -6.72 9.26
N PHE A 208 -4.70 -7.39 9.18
CA PHE A 208 -4.36 -8.50 10.09
C PHE A 208 -3.06 -8.18 10.77
N HIS A 209 -2.86 -8.66 12.01
CA HIS A 209 -1.60 -8.39 12.77
C HIS A 209 -1.16 -9.69 13.34
N ARG A 210 0.14 -9.91 13.41
CA ARG A 210 0.70 -11.07 14.02
C ARG A 210 1.71 -10.51 15.03
N SER A 211 1.44 -10.66 16.36
CA SER A 211 2.39 -10.22 17.39
CA SER A 211 2.38 -10.17 17.37
C SER A 211 3.74 -10.89 17.32
N LEU A 212 4.81 -10.08 17.37
CA LEU A 212 6.16 -10.71 17.36
C LEU A 212 6.80 -10.44 18.72
N ASN A 213 6.53 -9.29 19.32
CA ASN A 213 7.04 -8.92 20.68
C ASN A 213 5.81 -8.61 21.56
N PRO A 214 5.09 -9.66 22.05
CA PRO A 214 3.76 -9.44 22.64
C PRO A 214 3.82 -8.69 23.94
N GLU A 215 4.94 -8.74 24.65
CA GLU A 215 5.05 -7.98 25.91
C GLU A 215 5.04 -6.48 25.62
N LYS A 216 5.90 -6.01 24.69
CA LYS A 216 5.91 -4.59 24.27
C LYS A 216 4.51 -4.20 23.82
N LEU A 217 3.88 -5.05 22.99
CA LEU A 217 2.59 -4.77 22.43
C LEU A 217 1.54 -4.57 23.51
N VAL A 218 1.68 -5.36 24.59
CA VAL A 218 0.79 -5.27 25.75
C VAL A 218 1.04 -3.98 26.53
N GLU A 219 2.31 -3.56 26.65
CA GLU A 219 2.56 -2.28 27.28
C GLU A 219 1.92 -1.10 26.53
N ILE A 220 1.71 -1.24 25.21
CA ILE A 220 1.43 -0.03 24.44
C ILE A 220 0.07 -0.05 23.80
N ARG A 221 -0.48 -1.27 23.66
CA ARG A 221 -1.76 -1.41 22.97
CA ARG A 221 -1.77 -1.42 22.99
C ARG A 221 -2.88 -1.12 23.94
N PHE A 222 -4.01 -0.68 23.36
CA PHE A 222 -5.14 -0.39 24.19
C PHE A 222 -5.55 -1.68 24.94
N SER A 223 -5.68 -2.76 24.15
CA SER A 223 -5.99 -4.16 24.58
C SER A 223 -4.78 -5.13 24.48
N GLY A 224 -4.12 -5.24 25.62
CA GLY A 224 -3.06 -6.22 25.86
C GLY A 224 -2.89 -5.95 27.35
N ILE A 225 -2.99 -6.98 28.23
CA ILE A 225 -3.20 -8.42 27.90
C ILE A 225 -4.61 -8.66 27.29
N PRO A 226 -4.71 -9.28 26.06
CA PRO A 226 -6.06 -9.54 25.56
C PRO A 226 -6.89 -10.27 26.63
N ALA A 227 -8.12 -9.81 26.82
CA ALA A 227 -8.91 -10.18 27.98
C ALA A 227 -9.04 -11.69 28.12
N GLN A 228 -9.02 -12.43 26.99
CA GLN A 228 -9.27 -13.89 26.99
C GLN A 228 -8.09 -14.69 27.64
N TYR A 229 -6.97 -13.99 27.96
CA TYR A 229 -5.87 -14.59 28.73
C TYR A 229 -6.06 -14.52 30.26
N GLN A 230 -7.20 -13.98 30.73
CA GLN A 230 -7.47 -13.82 32.20
C GLN A 230 -7.80 -15.12 32.94
N LYS A 231 -8.40 -16.11 32.27
CA LYS A 231 -8.61 -17.44 32.88
C LYS A 231 -7.30 -18.21 33.23
N PHE A 232 -6.12 -17.63 32.94
CA PHE A 232 -4.83 -18.26 33.31
C PHE A 232 -4.19 -17.62 34.55
N GLN A 233 -3.42 -18.44 35.25
CA GLN A 233 -2.62 -18.01 36.38
C GLN A 233 -1.53 -16.97 36.00
N ASN A 234 -0.91 -17.18 34.83
CA ASN A 234 0.11 -16.24 34.38
C ASN A 234 -0.26 -15.83 32.95
N PRO A 235 -1.10 -14.79 32.84
CA PRO A 235 -1.61 -14.45 31.48
C PRO A 235 -0.47 -14.12 30.53
N MET A 236 0.54 -13.41 31.04
CA MET A 236 1.61 -12.90 30.19
C MET A 236 2.50 -14.05 29.71
N ALA A 237 2.77 -15.01 30.60
CA ALA A 237 3.56 -16.14 30.15
C ALA A 237 2.83 -16.95 29.07
N MET A 238 1.51 -17.04 29.16
CA MET A 238 0.76 -17.78 28.13
C MET A 238 0.73 -16.99 26.84
N LEU A 239 0.61 -15.66 26.96
CA LEU A 239 0.67 -14.79 25.79
C LEU A 239 2.02 -14.92 25.07
N LYS A 240 3.13 -14.90 25.80
CA LYS A 240 4.45 -15.08 25.16
C LYS A 240 4.66 -16.39 24.46
N ARG A 241 4.24 -17.47 25.14
CA ARG A 241 4.36 -18.76 24.54
CA ARG A 241 4.28 -18.80 24.59
C ARG A 241 3.43 -18.90 23.32
N ASN A 242 2.25 -18.24 23.31
CA ASN A 242 1.40 -18.32 22.13
C ASN A 242 2.12 -17.84 20.88
N TYR A 243 2.92 -16.79 21.04
CA TYR A 243 3.43 -16.09 19.87
C TYR A 243 4.91 -16.40 19.61
N GLN A 244 5.46 -17.38 20.34
CA GLN A 244 6.90 -17.68 20.28
CA GLN A 244 6.91 -17.61 20.23
C GLN A 244 7.26 -18.18 18.89
N LEU A 245 8.45 -17.77 18.43
CA LEU A 245 8.90 -18.23 17.12
C LEU A 245 10.29 -18.84 17.18
N PRO A 246 10.57 -19.72 16.19
CA PRO A 246 11.97 -20.18 16.09
C PRO A 246 12.94 -19.03 15.87
N SER A 247 14.17 -19.25 16.28
CA SER A 247 15.18 -18.18 16.25
C SER A 247 15.92 -18.12 14.92
N ALA A 248 15.83 -19.17 14.13
CA ALA A 248 16.46 -19.28 12.82
C ALA A 248 15.48 -19.81 11.78
N PRO A 249 15.61 -19.41 10.50
CA PRO A 249 14.67 -19.88 9.46
C PRO A 249 14.69 -21.35 9.28
N LYS A 250 13.62 -21.90 8.81
CA LYS A 250 13.44 -23.35 8.62
C LYS A 250 13.68 -23.81 7.21
N ASN A 251 13.50 -22.95 6.18
CA ASN A 251 13.75 -23.37 4.82
C ASN A 251 15.22 -23.37 4.55
N SER A 252 15.67 -24.55 4.19
CA SER A 252 17.01 -24.66 3.80
C SER A 252 17.15 -23.90 2.47
N GLY A 253 18.25 -23.22 2.38
CA GLY A 253 18.47 -22.51 1.16
C GLY A 253 17.95 -21.07 1.20
N LEU A 254 17.37 -20.64 2.31
CA LEU A 254 16.81 -19.23 2.30
C LEU A 254 18.00 -18.31 2.42
N ARG A 255 17.96 -17.23 1.65
CA ARG A 255 19.04 -16.26 1.73
C ARG A 255 18.51 -14.91 1.28
N GLU A 256 19.26 -13.87 1.49
CA GLU A 256 18.84 -12.56 0.94
CA GLU A 256 18.83 -12.56 0.95
C GLU A 256 18.87 -12.55 -0.57
N MET A 257 17.93 -11.82 -1.17
CA MET A 257 17.92 -11.58 -2.58
C MET A 257 19.14 -10.73 -3.03
N LYS A 258 19.67 -11.06 -4.21
CA LYS A 258 20.82 -10.35 -4.82
C LYS A 258 20.46 -9.95 -6.22
N PRO A 259 21.21 -8.98 -6.82
CA PRO A 259 20.80 -8.47 -8.14
C PRO A 259 20.66 -9.52 -9.25
N SER A 260 21.45 -10.58 -9.20
CA SER A 260 21.30 -11.66 -10.18
C SER A 260 19.97 -12.42 -10.10
N ASP A 261 19.28 -12.28 -8.95
CA ASP A 261 17.98 -12.96 -8.78
C ASP A 261 16.88 -12.19 -9.48
N VAL A 262 17.08 -10.94 -9.90
CA VAL A 262 16.01 -10.08 -10.47
C VAL A 262 15.17 -10.78 -11.57
N PRO A 263 15.79 -11.34 -12.62
CA PRO A 263 14.95 -11.92 -13.66
C PRO A 263 14.10 -13.14 -13.14
N GLN A 264 14.62 -14.02 -12.27
CA GLN A 264 13.87 -15.19 -11.84
C GLN A 264 12.73 -14.67 -10.89
N VAL A 265 13.05 -13.73 -10.02
CA VAL A 265 11.97 -13.16 -9.12
C VAL A 265 10.91 -12.45 -9.94
N ARG A 266 11.29 -11.68 -10.95
CA ARG A 266 10.36 -11.08 -11.83
C ARG A 266 9.43 -12.16 -12.46
N ARG A 267 10.04 -13.24 -12.99
CA ARG A 267 9.21 -14.25 -13.63
C ARG A 267 8.21 -14.95 -12.66
N ILE A 268 8.66 -15.44 -11.53
CA ILE A 268 7.77 -16.18 -10.59
C ILE A 268 6.74 -15.19 -10.03
N LEU A 269 7.18 -13.95 -9.76
CA LEU A 269 6.14 -12.98 -9.29
C LEU A 269 5.09 -12.66 -10.34
N MET A 270 5.52 -12.43 -11.61
CA MET A 270 4.56 -12.09 -12.68
CA MET A 270 4.56 -12.09 -12.68
C MET A 270 3.58 -13.25 -12.91
N ASN A 271 4.10 -14.50 -12.89
CA ASN A 271 3.22 -15.67 -13.07
C ASN A 271 2.16 -15.75 -11.97
N TYR A 272 2.54 -15.40 -10.74
CA TYR A 272 1.63 -15.45 -9.61
C TYR A 272 0.65 -14.29 -9.68
N LEU A 273 1.17 -13.09 -9.91
CA LEU A 273 0.28 -11.94 -9.88
C LEU A 273 -0.74 -11.94 -10.99
N ASP A 274 -0.38 -12.56 -12.13
CA ASP A 274 -1.28 -12.49 -13.24
CA ASP A 274 -1.30 -12.65 -13.25
C ASP A 274 -2.63 -13.28 -12.99
N SER A 275 -2.71 -14.09 -11.93
CA SER A 275 -3.90 -14.77 -11.54
CA SER A 275 -3.90 -14.78 -11.51
C SER A 275 -4.98 -13.89 -10.90
N PHE A 276 -4.58 -12.66 -10.52
CA PHE A 276 -5.51 -11.81 -9.80
C PHE A 276 -6.09 -10.79 -10.77
N ASP A 277 -7.24 -10.27 -10.43
CA ASP A 277 -7.91 -9.38 -11.33
C ASP A 277 -7.28 -7.99 -11.43
N VAL A 278 -6.75 -7.45 -10.27
CA VAL A 278 -6.12 -6.12 -10.29
C VAL A 278 -4.70 -6.33 -9.78
N GLY A 279 -3.72 -5.97 -10.58
CA GLY A 279 -2.31 -6.26 -10.07
C GLY A 279 -1.30 -5.53 -10.93
N PRO A 280 -0.13 -5.28 -10.37
CA PRO A 280 0.89 -4.57 -11.09
C PRO A 280 1.66 -5.48 -12.04
N VAL A 281 2.31 -4.78 -12.99
CA VAL A 281 3.34 -5.44 -13.90
C VAL A 281 4.62 -4.66 -13.70
N PHE A 282 5.71 -5.38 -13.47
CA PHE A 282 6.96 -4.76 -13.10
C PHE A 282 8.03 -5.15 -14.18
N SER A 283 8.75 -4.10 -14.54
CA SER A 283 9.98 -4.23 -15.35
C SER A 283 11.07 -4.85 -14.43
N ASP A 284 12.18 -5.37 -15.01
CA ASP A 284 13.36 -5.68 -14.20
C ASP A 284 13.78 -4.51 -13.34
N ALA A 285 13.85 -3.27 -13.81
CA ALA A 285 14.24 -2.12 -13.01
C ALA A 285 13.31 -1.89 -11.85
N GLU A 286 12.04 -2.15 -12.03
CA GLU A 286 11.06 -1.96 -10.92
C GLU A 286 11.18 -3.15 -9.96
N ILE A 287 11.46 -4.36 -10.40
CA ILE A 287 11.73 -5.49 -9.44
C ILE A 287 12.95 -5.11 -8.63
N SER A 288 14.03 -4.65 -9.29
CA SER A 288 15.28 -4.28 -8.55
CA SER A 288 15.26 -4.33 -8.55
C SER A 288 14.98 -3.22 -7.50
N HIS A 289 14.26 -2.17 -7.91
CA HIS A 289 13.96 -1.09 -7.02
C HIS A 289 13.07 -1.48 -5.82
N TYR A 290 12.00 -2.20 -6.14
CA TYR A 290 11.04 -2.47 -5.04
C TYR A 290 11.40 -3.68 -4.20
N LEU A 291 12.29 -4.57 -4.69
CA LEU A 291 12.52 -5.84 -3.98
C LEU A 291 13.97 -5.98 -3.48
N LEU A 292 14.96 -5.39 -4.15
CA LEU A 292 16.31 -5.66 -3.56
C LEU A 292 16.46 -5.05 -2.14
N PRO A 293 17.09 -5.80 -1.22
CA PRO A 293 17.15 -5.34 0.13
C PRO A 293 17.79 -3.95 0.26
N ARG A 294 17.18 -3.15 1.12
CA ARG A 294 17.65 -1.78 1.43
CA ARG A 294 17.63 -1.77 1.35
C ARG A 294 17.54 -1.58 2.89
N ASP A 295 18.68 -1.28 3.55
CA ASP A 295 18.66 -1.28 5.03
C ASP A 295 17.62 -0.37 5.69
N GLY A 296 16.99 -0.93 6.67
CA GLY A 296 15.95 -0.31 7.40
C GLY A 296 14.65 -0.13 6.62
N VAL A 297 14.62 -0.52 5.34
CA VAL A 297 13.44 -0.21 4.53
C VAL A 297 12.76 -1.46 3.98
N VAL A 298 13.44 -2.20 3.16
CA VAL A 298 12.81 -3.42 2.58
C VAL A 298 13.76 -4.60 2.65
N PHE A 299 13.12 -5.77 2.90
CA PHE A 299 13.87 -7.01 3.31
C PHE A 299 13.33 -8.10 2.43
N THR A 300 14.17 -8.78 1.67
CA THR A 300 13.68 -9.75 0.67
C THR A 300 14.56 -10.96 0.65
N TYR A 301 13.91 -12.12 0.78
CA TYR A 301 14.66 -13.41 0.84
C TYR A 301 14.14 -14.34 -0.21
N VAL A 302 15.03 -15.18 -0.78
CA VAL A 302 14.68 -16.09 -1.79
C VAL A 302 15.00 -17.48 -1.29
N VAL A 303 14.22 -18.44 -1.77
CA VAL A 303 14.57 -19.86 -1.51
C VAL A 303 15.19 -20.27 -2.81
N GLU A 304 16.47 -20.59 -2.59
CA GLU A 304 17.26 -21.16 -3.69
C GLU A 304 17.94 -22.34 -3.08
N ASN A 305 17.60 -23.53 -3.57
CA ASN A 305 18.22 -24.77 -3.06
C ASN A 305 19.36 -25.33 -3.94
N ASP A 306 19.06 -25.42 -5.23
CA ASP A 306 19.88 -26.06 -6.23
C ASP A 306 20.16 -25.00 -7.31
N LYS A 307 20.77 -23.88 -6.90
CA LYS A 307 21.11 -22.73 -7.79
C LYS A 307 19.92 -22.34 -8.72
N LYS A 308 18.69 -22.52 -8.20
CA LYS A 308 17.43 -22.10 -8.84
C LYS A 308 16.53 -21.53 -7.73
N VAL A 309 16.00 -20.32 -8.03
CA VAL A 309 15.04 -19.53 -7.12
C VAL A 309 13.62 -19.91 -7.44
N THR A 310 13.03 -20.57 -6.47
CA THR A 310 11.75 -21.13 -6.67
C THR A 310 10.68 -20.38 -5.82
N ASP A 311 11.16 -19.58 -4.85
CA ASP A 311 10.19 -18.97 -3.85
C ASP A 311 10.87 -17.71 -3.36
N PHE A 312 10.04 -16.72 -2.91
CA PHE A 312 10.64 -15.57 -2.26
C PHE A 312 9.58 -14.91 -1.42
N PHE A 313 10.04 -14.11 -0.48
CA PHE A 313 9.09 -13.18 0.19
C PHE A 313 9.77 -11.89 0.45
N SER A 314 8.95 -10.81 0.72
CA SER A 314 9.52 -9.49 1.04
C SER A 314 8.62 -8.90 2.13
N PHE A 315 9.25 -8.03 2.94
CA PHE A 315 8.48 -7.20 3.89
C PHE A 315 9.15 -5.84 3.95
N TYR A 316 8.35 -4.84 4.31
CA TYR A 316 8.91 -3.48 4.49
C TYR A 316 8.60 -2.96 5.86
N ARG A 317 9.45 -1.97 6.27
CA ARG A 317 9.35 -1.40 7.63
C ARG A 317 8.64 -0.10 7.73
N ILE A 318 7.61 -0.06 8.57
CA ILE A 318 6.98 1.27 8.90
C ILE A 318 6.91 1.36 10.39
N PRO A 319 7.71 2.24 10.96
CA PRO A 319 7.62 2.48 12.41
C PRO A 319 6.45 3.44 12.62
N SER A 320 5.90 3.37 13.82
CA SER A 320 4.91 4.37 14.32
C SER A 320 5.38 5.01 15.58
N THR A 321 5.13 6.32 15.68
CA THR A 321 5.35 6.99 16.98
C THR A 321 4.25 6.45 17.91
N VAL A 322 4.66 6.06 19.16
CA VAL A 322 3.68 5.69 20.20
C VAL A 322 3.43 6.93 21.05
N ILE A 323 2.23 7.49 20.90
CA ILE A 323 1.96 8.89 21.34
C ILE A 323 1.88 9.00 22.81
N GLY A 324 1.19 8.07 23.47
CA GLY A 324 1.08 8.22 24.93
C GLY A 324 1.87 7.32 25.89
N ASN A 325 3.17 7.03 25.66
CA ASN A 325 3.90 6.02 26.51
C ASN A 325 5.23 6.44 27.21
N SER A 326 5.43 5.93 28.44
CA SER A 326 6.65 6.16 29.25
C SER A 326 7.81 5.31 28.76
N ASN A 327 7.53 4.02 28.57
CA ASN A 327 8.50 3.00 28.17
C ASN A 327 8.96 3.02 26.72
N TYR A 328 8.06 3.35 25.78
CA TYR A 328 8.31 3.10 24.34
C TYR A 328 8.12 4.32 23.46
N ASN A 329 9.07 4.57 22.58
CA ASN A 329 8.85 5.69 21.71
C ASN A 329 8.22 5.27 20.35
N LEU A 330 8.44 4.01 19.99
CA LEU A 330 8.28 3.58 18.57
C LEU A 330 7.71 2.20 18.59
N LEU A 331 6.80 1.92 17.62
CA LEU A 331 6.33 0.54 17.33
C LEU A 331 6.94 0.19 15.97
N ASN A 332 7.67 -0.93 15.90
CA ASN A 332 8.40 -1.28 14.70
CA ASN A 332 8.34 -1.25 14.63
C ASN A 332 7.57 -2.33 13.96
N ALA A 333 6.84 -1.96 12.89
CA ALA A 333 5.96 -2.93 12.21
C ALA A 333 6.65 -3.37 10.89
N ALA A 334 6.53 -4.66 10.61
CA ALA A 334 6.94 -5.30 9.30
C ALA A 334 5.68 -5.53 8.56
N TYR A 335 5.59 -5.04 7.35
CA TYR A 335 4.39 -5.27 6.50
C TYR A 335 4.70 -6.25 5.40
N VAL A 336 3.78 -7.27 5.17
CA VAL A 336 4.07 -8.24 4.16
C VAL A 336 3.94 -7.57 2.81
N HIS A 337 4.99 -7.78 1.97
CA HIS A 337 5.04 -7.16 0.61
C HIS A 337 4.82 -8.30 -0.36
N TYR A 338 5.38 -8.22 -1.50
CA TYR A 338 5.18 -9.32 -2.51
C TYR A 338 5.91 -10.58 -2.12
N TYR A 339 5.34 -11.72 -2.63
CA TYR A 339 5.90 -13.02 -2.46
C TYR A 339 5.47 -13.93 -3.60
N ALA A 340 6.12 -15.10 -3.67
CA ALA A 340 5.64 -16.13 -4.63
C ALA A 340 6.21 -17.41 -4.11
N ALA A 341 5.31 -18.40 -4.08
CA ALA A 341 5.74 -19.73 -3.71
C ALA A 341 5.46 -20.74 -4.80
N THR A 342 6.49 -21.48 -5.23
CA THR A 342 6.30 -22.57 -6.23
C THR A 342 6.78 -23.92 -5.68
N SER A 343 7.55 -23.97 -4.64
CA SER A 343 8.06 -25.23 -4.14
C SER A 343 7.72 -25.63 -2.73
N ILE A 344 7.25 -24.66 -1.91
CA ILE A 344 6.82 -25.00 -0.59
C ILE A 344 5.44 -24.33 -0.37
N PRO A 345 4.69 -24.81 0.59
CA PRO A 345 3.40 -24.23 0.88
C PRO A 345 3.61 -22.77 1.35
N LEU A 346 2.66 -21.95 0.98
CA LEU A 346 2.78 -20.53 1.32
C LEU A 346 2.95 -20.35 2.84
N HIS A 347 2.21 -21.10 3.69
CA HIS A 347 2.37 -20.92 5.14
C HIS A 347 3.82 -21.17 5.66
N GLN A 348 4.53 -22.09 5.00
CA GLN A 348 5.91 -22.41 5.39
C GLN A 348 6.87 -21.30 4.93
N LEU A 349 6.52 -20.68 3.81
CA LEU A 349 7.35 -19.51 3.35
C LEU A 349 7.17 -18.33 4.28
N ILE A 350 5.92 -18.06 4.61
CA ILE A 350 5.65 -16.89 5.48
C ILE A 350 6.05 -17.07 6.93
N LEU A 351 6.09 -18.35 7.43
CA LEU A 351 6.65 -18.54 8.71
C LEU A 351 8.10 -18.09 8.79
N ASP A 352 8.85 -18.28 7.71
CA ASP A 352 10.20 -17.72 7.72
C ASP A 352 10.26 -16.21 7.61
N LEU A 353 9.24 -15.63 7.02
CA LEU A 353 9.08 -14.15 7.14
C LEU A 353 8.97 -13.68 8.57
N LEU A 354 8.12 -14.38 9.34
CA LEU A 354 7.92 -14.01 10.74
C LEU A 354 9.18 -14.25 11.56
N ILE A 355 9.86 -15.36 11.27
CA ILE A 355 11.12 -15.72 12.00
C ILE A 355 12.13 -14.61 11.71
N VAL A 356 12.31 -14.26 10.40
CA VAL A 356 13.28 -13.17 10.17
C VAL A 356 12.92 -11.82 10.75
N ALA A 357 11.64 -11.43 10.62
CA ALA A 357 11.23 -10.17 11.15
C ALA A 357 11.45 -10.10 12.68
N HIS A 358 11.09 -11.20 13.38
CA HIS A 358 11.25 -11.21 14.80
C HIS A 358 12.76 -11.15 15.15
N SER A 359 13.58 -11.91 14.45
CA SER A 359 15.06 -11.87 14.68
CA SER A 359 15.06 -11.88 14.70
C SER A 359 15.64 -10.49 14.48
N ARG A 360 15.03 -9.71 13.57
CA ARG A 360 15.50 -8.37 13.34
C ARG A 360 14.92 -7.30 14.25
N GLY A 361 14.09 -7.64 15.19
CA GLY A 361 13.61 -6.76 16.22
C GLY A 361 12.35 -5.99 15.80
N PHE A 362 11.57 -6.57 14.85
CA PHE A 362 10.22 -6.02 14.67
C PHE A 362 9.21 -6.42 15.75
N ASP A 363 8.26 -5.59 15.99
CA ASP A 363 7.25 -5.83 17.06
C ASP A 363 6.04 -6.59 16.61
N VAL A 364 5.66 -6.43 15.32
CA VAL A 364 4.38 -6.94 14.82
C VAL A 364 4.57 -7.09 13.30
N CYS A 365 3.83 -8.03 12.71
CA CYS A 365 3.80 -8.17 11.28
C CYS A 365 2.37 -7.88 10.83
N ASN A 366 2.22 -6.94 9.89
CA ASN A 366 0.89 -6.52 9.43
C ASN A 366 0.73 -6.89 7.99
N MET A 367 -0.56 -7.01 7.57
CA MET A 367 -0.90 -7.26 6.13
C MET A 367 -2.39 -7.00 5.97
N VAL A 368 -2.81 -6.80 4.75
CA VAL A 368 -4.25 -6.78 4.45
C VAL A 368 -4.57 -8.07 3.78
N GLU A 369 -5.85 -8.48 3.81
CA GLU A 369 -6.24 -9.77 3.22
C GLU A 369 -6.30 -9.76 1.69
N ILE A 370 -5.30 -9.18 1.06
CA ILE A 370 -5.15 -9.28 -0.40
C ILE A 370 -4.29 -10.48 -0.80
N LEU A 371 -4.01 -10.68 -2.09
CA LEU A 371 -3.16 -11.81 -2.51
C LEU A 371 -3.76 -13.12 -1.95
N ASP A 372 -2.92 -14.01 -1.45
CA ASP A 372 -3.39 -15.26 -0.80
C ASP A 372 -3.13 -15.16 0.69
N ASN A 373 -3.16 -13.92 1.23
CA ASN A 373 -2.85 -13.73 2.64
C ASN A 373 -3.84 -14.49 3.59
N ARG A 374 -5.11 -14.66 3.12
CA ARG A 374 -5.97 -15.42 4.04
C ARG A 374 -5.55 -16.84 4.21
N SER A 375 -4.71 -17.35 3.33
CA SER A 375 -4.41 -18.78 3.40
CA SER A 375 -4.35 -18.79 3.39
C SER A 375 -3.58 -19.14 4.63
N PHE A 376 -2.87 -18.19 5.24
CA PHE A 376 -2.05 -18.55 6.34
C PHE A 376 -2.36 -17.76 7.65
N VAL A 377 -3.51 -17.07 7.66
CA VAL A 377 -3.91 -16.27 8.83
C VAL A 377 -4.02 -17.11 10.07
N GLU A 378 -4.71 -18.23 9.94
CA GLU A 378 -4.95 -18.99 11.22
CA GLU A 378 -5.01 -19.07 11.13
C GLU A 378 -3.78 -19.79 11.67
N GLN A 379 -3.10 -20.50 10.79
CA GLN A 379 -2.00 -21.29 11.28
C GLN A 379 -0.88 -20.44 11.84
N LEU A 380 -0.64 -19.28 11.18
CA LEU A 380 0.45 -18.41 11.64
C LEU A 380 0.03 -17.38 12.68
N LYS A 381 -1.20 -17.47 13.16
CA LYS A 381 -1.64 -16.75 14.36
CA LYS A 381 -1.64 -16.75 14.35
C LYS A 381 -1.77 -15.25 14.11
N PHE A 382 -2.13 -14.90 12.87
CA PHE A 382 -2.59 -13.49 12.62
C PHE A 382 -4.01 -13.30 13.21
N GLY A 383 -4.32 -12.09 13.64
CA GLY A 383 -5.63 -11.77 14.17
C GLY A 383 -6.12 -10.62 13.30
N ALA A 384 -7.42 -10.57 12.95
CA ALA A 384 -7.94 -9.36 12.37
C ALA A 384 -7.88 -8.15 13.28
N GLY A 385 -7.54 -6.98 12.70
CA GLY A 385 -7.67 -5.71 13.39
C GLY A 385 -9.00 -5.03 13.23
N ASP A 386 -9.07 -3.81 13.76
CA ASP A 386 -10.22 -2.93 13.59
C ASP A 386 -10.25 -2.24 12.25
N GLY A 387 -9.09 -2.18 11.60
CA GLY A 387 -9.01 -1.34 10.38
C GLY A 387 -9.34 -2.09 9.11
N HIS A 388 -9.66 -1.33 8.06
CA HIS A 388 -9.85 -1.87 6.69
C HIS A 388 -9.09 -1.00 5.77
N LEU A 389 -8.45 -1.58 4.79
CA LEU A 389 -7.90 -0.78 3.69
C LEU A 389 -8.84 -0.87 2.51
N ARG A 390 -9.22 0.30 2.01
CA ARG A 390 -10.14 0.39 0.92
C ARG A 390 -9.31 0.81 -0.31
N TYR A 391 -9.60 0.16 -1.43
CA TYR A 391 -8.93 0.42 -2.75
C TYR A 391 -9.86 1.22 -3.64
N TYR A 392 -9.31 2.24 -4.30
CA TYR A 392 -10.07 3.16 -5.13
C TYR A 392 -9.40 3.39 -6.45
N PHE A 393 -10.23 3.71 -7.46
CA PHE A 393 -9.63 4.27 -8.69
C PHE A 393 -10.18 5.66 -8.91
N TYR A 394 -9.39 6.50 -9.55
CA TYR A 394 -9.86 7.82 -10.05
C TYR A 394 -10.06 7.69 -11.55
N ASN A 395 -11.28 8.03 -12.02
CA ASN A 395 -11.65 8.01 -13.46
C ASN A 395 -11.58 6.58 -14.02
N TRP A 396 -12.11 5.60 -13.30
CA TRP A 396 -12.13 4.23 -13.80
C TRP A 396 -13.27 3.50 -13.23
N ALA A 397 -14.27 3.21 -14.07
CA ALA A 397 -15.34 2.43 -13.58
C ALA A 397 -14.91 1.01 -13.40
N TYR A 398 -15.22 0.35 -12.29
CA TYR A 398 -14.76 -1.01 -12.03
C TYR A 398 -15.72 -1.77 -11.17
N PRO A 399 -16.03 -3.03 -11.54
CA PRO A 399 -16.90 -3.81 -10.72
C PRO A 399 -16.32 -4.01 -9.28
N LYS A 400 -17.19 -4.13 -8.31
CA LYS A 400 -16.79 -4.53 -6.96
C LYS A 400 -16.10 -5.87 -7.06
N ILE A 401 -14.92 -6.02 -6.48
CA ILE A 401 -14.26 -7.31 -6.38
C ILE A 401 -13.85 -7.62 -4.91
N LYS A 402 -13.61 -8.92 -4.65
CA LYS A 402 -13.17 -9.36 -3.31
C LYS A 402 -11.71 -8.92 -3.14
N PRO A 403 -11.29 -8.71 -1.91
CA PRO A 403 -9.87 -8.29 -1.78
C PRO A 403 -8.89 -9.40 -2.11
N SER A 404 -9.36 -10.66 -2.14
CA SER A 404 -8.48 -11.80 -2.57
C SER A 404 -8.32 -11.79 -4.11
N GLN A 405 -8.90 -10.81 -4.80
CA GLN A 405 -8.67 -10.62 -6.25
CA GLN A 405 -8.73 -10.61 -6.27
C GLN A 405 -7.80 -9.39 -6.55
N VAL A 406 -7.21 -8.84 -5.45
CA VAL A 406 -6.33 -7.67 -5.58
C VAL A 406 -4.91 -8.16 -5.26
N ALA A 407 -3.98 -7.75 -6.14
CA ALA A 407 -2.54 -8.13 -6.01
C ALA A 407 -1.65 -6.88 -5.93
N LEU A 408 -2.24 -5.69 -5.74
CA LEU A 408 -1.44 -4.48 -5.63
C LEU A 408 -1.19 -4.15 -4.11
N VAL A 409 0.08 -4.23 -3.69
CA VAL A 409 0.46 -3.89 -2.25
C VAL A 409 0.72 -2.38 -2.19
N MET A 410 0.09 -1.74 -1.22
CA MET A 410 0.30 -0.33 -1.04
C MET A 410 1.29 -0.10 0.10
N LEU A 411 2.21 0.82 -0.18
CA LEU A 411 3.19 1.18 0.85
C LEU A 411 2.65 2.17 1.81
#